data_1XQM
#
_entry.id   1XQM
#
_cell.length_a   112.482
_cell.length_b   112.482
_cell.length_c   96.906
_cell.angle_alpha   90.00
_cell.angle_beta   90.00
_cell.angle_gamma   120.00
#
_symmetry.space_group_name_H-M   'P 62 2 2'
#
loop_
_entity.id
_entity.type
_entity.pdbx_description
1 polymer 'kindling fluorescent protein'
2 non-polymer 'ACETIC ACID'
3 water water
#
_entity_poly.entity_id   1
_entity_poly.type   'polypeptide(L)'
_entity_poly.pdbx_seq_one_letter_code
;MASLLTETMPFKTTIEGTVNGHCFKCIGKGEGNPFEGTQEMKIEVIEGGPLPFAFHILSTSC(CH6)SKTFIKYVSGIPD
YFKQSFPEGFTWERTTTYEDGGFLTAHQDTSLDGDCLVYKVKILGNNFPADGPVMQNKVGRWEPGTEIVYEVDGVLRGQS
LMALKCPGGRHLTCHLHTTYRSKKPASALKMPGFHFEDHRIEIMEEVEKGKCYKQYEAAVGRYCDAAPSKLGHN
;
_entity_poly.pdbx_strand_id   A
#
loop_
_chem_comp.id
_chem_comp.type
_chem_comp.name
_chem_comp.formula
ACY non-polymer 'ACETIC ACID' 'C2 H4 O2'
#
# COMPACT_ATOMS: atom_id res chain seq x y z
N SER A 3 -2.57 14.78 -18.16
CA SER A 3 -3.23 13.49 -17.80
C SER A 3 -4.62 13.77 -17.21
N LEU A 4 -5.38 12.70 -16.98
CA LEU A 4 -6.71 12.82 -16.40
C LEU A 4 -6.60 12.97 -14.89
N LEU A 5 -5.36 13.08 -14.42
CA LEU A 5 -5.07 13.24 -13.00
C LEU A 5 -4.71 14.69 -12.70
N THR A 6 -5.34 15.28 -11.69
CA THR A 6 -5.09 16.66 -11.32
C THR A 6 -4.02 16.77 -10.24
N GLU A 7 -3.41 17.93 -10.13
CA GLU A 7 -2.36 18.20 -9.15
C GLU A 7 -2.80 17.77 -7.74
N THR A 8 -4.11 17.74 -7.51
CA THR A 8 -4.68 17.34 -6.23
C THR A 8 -5.81 16.36 -6.50
N MET A 9 -5.50 15.06 -6.49
CA MET A 9 -6.50 14.02 -6.75
C MET A 9 -7.12 13.47 -5.48
N PRO A 10 -8.46 13.44 -5.43
CA PRO A 10 -9.17 12.91 -4.28
C PRO A 10 -9.45 11.43 -4.51
N PHE A 11 -9.57 10.66 -3.42
CA PHE A 11 -9.86 9.23 -3.56
C PHE A 11 -10.70 8.71 -2.41
N LYS A 12 -11.59 7.78 -2.73
CA LYS A 12 -12.47 7.17 -1.74
C LYS A 12 -12.21 5.67 -1.68
N THR A 13 -12.36 5.08 -0.51
CA THR A 13 -12.15 3.65 -0.37
C THR A 13 -13.20 2.98 0.50
N THR A 14 -13.43 1.71 0.18
CA THR A 14 -14.34 0.88 0.95
C THR A 14 -13.52 -0.38 1.20
N ILE A 15 -13.50 -0.82 2.45
CA ILE A 15 -12.73 -1.98 2.83
C ILE A 15 -13.58 -2.97 3.60
N GLU A 16 -13.45 -4.24 3.26
CA GLU A 16 -14.19 -5.29 3.93
C GLU A 16 -13.21 -6.42 4.24
N GLY A 17 -13.24 -6.93 5.46
CA GLY A 17 -12.33 -8.00 5.79
C GLY A 17 -12.59 -8.77 7.05
N THR A 18 -11.75 -9.78 7.28
CA THR A 18 -11.83 -10.62 8.46
C THR A 18 -10.39 -10.92 8.83
N VAL A 19 -10.04 -10.64 10.08
CA VAL A 19 -8.69 -10.89 10.57
C VAL A 19 -8.81 -11.68 11.85
N ASN A 20 -8.23 -12.88 11.87
CA ASN A 20 -8.28 -13.74 13.04
C ASN A 20 -9.72 -13.94 13.49
N GLY A 21 -10.62 -14.09 12.52
CA GLY A 21 -12.02 -14.31 12.82
C GLY A 21 -12.84 -13.07 13.10
N HIS A 22 -12.20 -11.90 13.12
CA HIS A 22 -12.93 -10.67 13.39
C HIS A 22 -13.30 -9.92 12.11
N CYS A 23 -14.59 -9.82 11.84
CA CYS A 23 -15.09 -9.14 10.65
C CYS A 23 -15.15 -7.63 10.89
N PHE A 24 -14.89 -6.85 9.85
CA PHE A 24 -14.93 -5.41 9.95
C PHE A 24 -15.18 -4.77 8.60
N LYS A 25 -15.51 -3.48 8.60
CA LYS A 25 -15.79 -2.76 7.38
C LYS A 25 -15.32 -1.32 7.58
N CYS A 26 -14.68 -0.75 6.56
CA CYS A 26 -14.17 0.61 6.64
C CYS A 26 -14.59 1.43 5.43
N ILE A 27 -14.45 2.73 5.58
CA ILE A 27 -14.73 3.67 4.50
C ILE A 27 -13.64 4.70 4.71
N GLY A 28 -13.21 5.35 3.64
CA GLY A 28 -12.16 6.34 3.80
C GLY A 28 -12.17 7.35 2.68
N LYS A 29 -11.55 8.49 2.93
CA LYS A 29 -11.48 9.55 1.94
C LYS A 29 -10.16 10.28 2.14
N GLY A 30 -9.59 10.75 1.04
CA GLY A 30 -8.33 11.47 1.14
C GLY A 30 -7.98 12.09 -0.19
N GLU A 31 -6.81 12.72 -0.25
CA GLU A 31 -6.35 13.34 -1.46
C GLU A 31 -4.83 13.37 -1.44
N GLY A 32 -4.23 13.61 -2.59
CA GLY A 32 -2.78 13.68 -2.66
C GLY A 32 -2.32 14.25 -3.98
N ASN A 33 -1.01 14.42 -4.11
CA ASN A 33 -0.42 14.94 -5.33
C ASN A 33 0.20 13.75 -6.06
N PRO A 34 -0.50 13.23 -7.08
CA PRO A 34 -0.05 12.08 -7.88
C PRO A 34 1.40 12.16 -8.35
N PHE A 35 1.78 13.33 -8.83
CA PHE A 35 3.12 13.54 -9.37
C PHE A 35 4.20 13.84 -8.33
N GLU A 36 3.78 14.23 -7.13
CA GLU A 36 4.74 14.50 -6.06
C GLU A 36 4.86 13.27 -5.18
N GLY A 37 3.95 12.32 -5.39
CA GLY A 37 3.97 11.07 -4.64
C GLY A 37 3.60 11.18 -3.17
N THR A 38 2.72 12.12 -2.84
CA THR A 38 2.29 12.30 -1.46
C THR A 38 0.78 12.17 -1.39
N GLN A 39 0.28 11.71 -0.25
CA GLN A 39 -1.16 11.54 -0.08
C GLN A 39 -1.50 11.36 1.38
N GLU A 40 -2.76 11.57 1.70
CA GLU A 40 -3.22 11.42 3.07
C GLU A 40 -4.70 11.12 3.05
N MET A 41 -5.16 10.31 3.99
CA MET A 41 -6.56 9.97 4.03
C MET A 41 -7.01 9.64 5.44
N LYS A 42 -8.32 9.69 5.65
CA LYS A 42 -8.89 9.37 6.95
C LYS A 42 -9.66 8.08 6.75
N ILE A 43 -9.35 7.07 7.55
CA ILE A 43 -10.04 5.79 7.45
C ILE A 43 -11.01 5.67 8.61
N GLU A 44 -12.21 5.20 8.34
CA GLU A 44 -13.22 5.04 9.38
C GLU A 44 -13.77 3.63 9.43
N VAL A 45 -13.68 3.01 10.60
CA VAL A 45 -14.20 1.66 10.79
C VAL A 45 -15.69 1.79 11.06
N ILE A 46 -16.52 1.39 10.10
CA ILE A 46 -17.96 1.49 10.26
C ILE A 46 -18.62 0.23 10.81
N GLU A 47 -17.87 -0.86 10.83
CA GLU A 47 -18.36 -2.13 11.37
C GLU A 47 -17.22 -2.88 12.03
N GLY A 48 -17.52 -3.56 13.14
CA GLY A 48 -16.50 -4.32 13.84
C GLY A 48 -15.54 -3.47 14.63
N GLY A 49 -15.85 -2.19 14.79
CA GLY A 49 -14.98 -1.31 15.55
C GLY A 49 -15.38 -1.37 17.01
N PRO A 50 -14.46 -1.09 17.95
CA PRO A 50 -13.07 -0.73 17.68
C PRO A 50 -12.26 -1.98 17.29
N LEU A 51 -11.37 -1.84 16.32
CA LEU A 51 -10.56 -2.96 15.87
C LEU A 51 -9.77 -3.63 17.01
N PRO A 52 -9.87 -4.96 17.12
CA PRO A 52 -9.18 -5.73 18.16
C PRO A 52 -7.71 -6.02 17.80
N PHE A 53 -7.16 -5.26 16.86
CA PHE A 53 -5.76 -5.46 16.44
C PHE A 53 -5.18 -4.15 15.94
N ALA A 54 -3.85 -4.07 15.88
CA ALA A 54 -3.19 -2.85 15.42
C ALA A 54 -3.65 -2.50 14.01
N PHE A 55 -4.11 -1.27 13.84
CA PHE A 55 -4.59 -0.80 12.55
C PHE A 55 -3.50 -0.91 11.47
N HIS A 56 -2.25 -0.82 11.90
CA HIS A 56 -1.11 -0.86 11.01
C HIS A 56 -1.04 -2.00 9.99
N ILE A 57 -1.58 -3.17 10.32
CA ILE A 57 -1.53 -4.28 9.38
C ILE A 57 -2.42 -4.01 8.18
N LEU A 58 -3.15 -2.91 8.23
CA LEU A 58 -4.05 -2.54 7.13
C LEU A 58 -3.49 -1.33 6.38
N SER A 59 -2.42 -0.75 6.89
CA SER A 59 -1.82 0.43 6.27
C SER A 59 -1.57 0.34 4.78
N THR A 60 -1.09 -0.81 4.30
CA THR A 60 -0.80 -0.95 2.88
C THR A 60 -2.01 -1.34 2.04
N SER A 61 -3.17 -1.44 2.66
CA SER A 61 -4.38 -1.82 1.92
C SER A 61 -5.40 -0.70 1.77
N CYS A 62 -5.19 0.43 2.44
CA CYS A 62 -6.12 1.56 2.37
C CYS A 62 -6.56 1.93 0.97
N1 CH6 A 63 -3.21 2.46 0.47
CE CH6 A 63 -3.33 6.34 2.98
SD CH6 A 63 -1.62 6.31 2.46
CG1 CH6 A 63 -1.67 5.01 1.21
CB1 CH6 A 63 -1.80 3.64 1.84
CA1 CH6 A 63 -1.97 2.55 0.77
C1 CH6 A 63 -1.00 1.70 0.13
N2 CH6 A 63 0.27 1.68 0.58
OH CH6 A 63 5.98 -3.61 -1.02
CD2 CH6 A 63 3.15 -1.34 -1.48
CE2 CH6 A 63 4.07 -2.39 -1.73
CZ CH6 A 63 5.18 -2.67 -0.80
CE1 CH6 A 63 5.28 -1.81 0.43
CD1 CH6 A 63 4.35 -0.77 0.67
CG2 CH6 A 63 3.23 -0.48 -0.26
CB2 CH6 A 63 2.34 0.59 0.07
CA2 CH6 A 63 0.97 0.81 -0.19
C2 CH6 A 63 0.07 0.21 -1.22
O2 CH6 A 63 0.30 -0.61 -2.11
N3 CH6 A 63 -1.19 0.81 -0.99
CA3 CH6 A 63 -2.46 0.50 -1.84
C3 CH6 A 63 -2.95 1.33 -2.55
O3 CH6 A 63 -4.09 1.06 -3.17
N SER A 64 -2.31 2.51 -2.67
CA SER A 64 -2.78 3.62 -3.48
C SER A 64 -1.62 4.01 -4.37
N LYS A 65 -1.28 3.11 -5.29
CA LYS A 65 -0.13 3.26 -6.17
C LYS A 65 -0.17 4.39 -7.21
N THR A 66 -1.28 5.09 -7.33
CA THR A 66 -1.36 6.19 -8.28
C THR A 66 -0.51 7.36 -7.79
N PHE A 67 -0.26 7.42 -6.49
CA PHE A 67 0.52 8.51 -5.92
C PHE A 67 1.99 8.16 -5.68
N ILE A 68 2.73 8.07 -6.77
CA ILE A 68 4.15 7.77 -6.70
C ILE A 68 4.91 8.73 -7.60
N LYS A 69 6.02 9.26 -7.09
CA LYS A 69 6.84 10.17 -7.88
C LYS A 69 7.94 9.35 -8.54
N TYR A 70 7.83 9.16 -9.85
CA TYR A 70 8.84 8.41 -10.59
C TYR A 70 9.95 9.31 -11.10
N VAL A 71 11.19 8.94 -10.80
CA VAL A 71 12.33 9.72 -11.25
C VAL A 71 13.11 8.89 -12.27
N SER A 72 14.21 9.46 -12.77
CA SER A 72 15.06 8.80 -13.74
C SER A 72 14.31 8.23 -14.96
N GLY A 73 13.20 8.86 -15.30
CA GLY A 73 12.41 8.44 -16.46
C GLY A 73 11.72 7.10 -16.38
N ILE A 74 11.61 6.54 -15.19
CA ILE A 74 10.96 5.25 -15.04
C ILE A 74 9.49 5.35 -15.41
N PRO A 75 9.01 4.46 -16.30
CA PRO A 75 7.61 4.46 -16.72
C PRO A 75 6.64 4.26 -15.55
N ASP A 76 5.51 4.95 -15.60
CA ASP A 76 4.50 4.89 -14.53
C ASP A 76 3.39 3.94 -14.95
N TYR A 77 3.49 2.69 -14.51
CA TYR A 77 2.53 1.64 -14.84
C TYR A 77 1.10 1.98 -14.40
N PHE A 78 0.99 2.63 -13.24
CA PHE A 78 -0.31 2.96 -12.68
C PHE A 78 -1.01 4.13 -13.37
N LYS A 79 -0.30 5.25 -13.54
CA LYS A 79 -0.93 6.39 -14.20
C LYS A 79 -1.28 6.05 -15.66
N GLN A 80 -0.47 5.21 -16.30
CA GLN A 80 -0.73 4.81 -17.69
C GLN A 80 -1.99 3.97 -17.80
N SER A 81 -2.35 3.29 -16.71
CA SER A 81 -3.51 2.42 -16.70
C SER A 81 -4.88 3.10 -16.80
N PHE A 82 -4.94 4.39 -16.53
CA PHE A 82 -6.21 5.09 -16.59
C PHE A 82 -6.56 5.48 -18.02
N PRO A 83 -7.86 5.71 -18.31
CA PRO A 83 -8.99 5.65 -17.37
C PRO A 83 -9.44 4.23 -17.01
N GLU A 84 -8.88 3.23 -17.68
CA GLU A 84 -9.25 1.85 -17.42
C GLU A 84 -9.03 1.43 -15.96
N GLY A 85 -7.96 1.92 -15.35
CA GLY A 85 -7.69 1.57 -13.97
C GLY A 85 -6.83 0.33 -13.83
N PHE A 86 -6.74 -0.20 -12.61
CA PHE A 86 -5.93 -1.39 -12.36
C PHE A 86 -6.34 -2.06 -11.05
N THR A 87 -5.68 -3.19 -10.76
CA THR A 87 -5.94 -3.93 -9.53
C THR A 87 -4.61 -4.42 -8.98
N TRP A 88 -4.60 -4.80 -7.70
CA TRP A 88 -3.41 -5.37 -7.11
C TRP A 88 -3.83 -6.42 -6.11
N GLU A 89 -2.97 -7.42 -5.93
CA GLU A 89 -3.25 -8.52 -5.02
C GLU A 89 -1.99 -8.72 -4.22
N ARG A 90 -2.15 -9.07 -2.95
CA ARG A 90 -0.98 -9.21 -2.12
C ARG A 90 -1.20 -10.08 -0.89
N THR A 91 -0.12 -10.72 -0.46
CA THR A 91 -0.14 -11.52 0.76
C THR A 91 1.09 -11.04 1.48
N THR A 92 0.89 -10.59 2.71
CA THR A 92 1.98 -10.11 3.54
C THR A 92 2.18 -11.19 4.59
N THR A 93 3.40 -11.69 4.72
CA THR A 93 3.69 -12.71 5.70
C THR A 93 4.52 -12.09 6.83
N TYR A 94 4.05 -12.24 8.07
CA TYR A 94 4.77 -11.70 9.23
C TYR A 94 5.70 -12.74 9.83
N GLU A 95 6.85 -12.28 10.34
CA GLU A 95 7.82 -13.20 10.92
C GLU A 95 7.33 -13.99 12.13
N ASP A 96 6.22 -13.58 12.73
CA ASP A 96 5.69 -14.33 13.86
C ASP A 96 4.49 -15.19 13.49
N GLY A 97 4.30 -15.45 12.20
CA GLY A 97 3.21 -16.32 11.78
C GLY A 97 1.96 -15.74 11.17
N GLY A 98 1.72 -14.45 11.30
CA GLY A 98 0.53 -13.87 10.72
C GLY A 98 0.58 -13.68 9.21
N PHE A 99 -0.58 -13.74 8.58
CA PHE A 99 -0.71 -13.53 7.14
C PHE A 99 -1.80 -12.51 6.92
N LEU A 100 -1.56 -11.55 6.04
CA LEU A 100 -2.57 -10.54 5.74
C LEU A 100 -2.66 -10.52 4.21
N THR A 101 -3.77 -11.04 3.69
CA THR A 101 -4.02 -11.12 2.26
C THR A 101 -5.04 -10.06 1.83
N ALA A 102 -4.78 -9.42 0.71
CA ALA A 102 -5.68 -8.39 0.23
C ALA A 102 -5.75 -8.36 -1.29
N HIS A 103 -6.91 -7.93 -1.77
CA HIS A 103 -7.18 -7.76 -3.19
C HIS A 103 -7.80 -6.37 -3.26
N GLN A 104 -7.39 -5.58 -4.24
CA GLN A 104 -7.92 -4.24 -4.36
C GLN A 104 -8.18 -3.85 -5.82
N ASP A 105 -9.23 -3.08 -6.03
CA ASP A 105 -9.59 -2.60 -7.37
C ASP A 105 -9.52 -1.08 -7.38
N THR A 106 -8.77 -0.53 -8.33
CA THR A 106 -8.64 0.92 -8.45
C THR A 106 -9.31 1.38 -9.73
N SER A 107 -10.21 2.36 -9.61
CA SER A 107 -10.92 2.88 -10.77
C SER A 107 -11.00 4.39 -10.68
N LEU A 108 -11.22 5.04 -11.84
CA LEU A 108 -11.34 6.48 -11.90
C LEU A 108 -12.79 6.82 -12.20
N ASP A 109 -13.51 7.26 -11.18
CA ASP A 109 -14.92 7.60 -11.33
C ASP A 109 -15.10 9.11 -11.37
N GLY A 110 -14.99 9.68 -12.57
CA GLY A 110 -15.14 11.10 -12.72
C GLY A 110 -13.85 11.83 -12.40
N ASP A 111 -13.83 12.55 -11.29
CA ASP A 111 -12.65 13.29 -10.87
C ASP A 111 -12.10 12.67 -9.59
N CYS A 112 -12.65 11.54 -9.20
CA CYS A 112 -12.23 10.87 -7.97
C CYS A 112 -11.83 9.41 -8.19
N LEU A 113 -10.79 8.99 -7.49
CA LEU A 113 -10.31 7.61 -7.56
C LEU A 113 -11.14 6.78 -6.60
N VAL A 114 -11.45 5.54 -6.98
CA VAL A 114 -12.26 4.68 -6.13
C VAL A 114 -11.58 3.33 -5.84
N TYR A 115 -11.36 3.05 -4.56
CA TYR A 115 -10.73 1.80 -4.15
C TYR A 115 -11.72 0.85 -3.48
N LYS A 116 -11.72 -0.40 -3.92
CA LYS A 116 -12.57 -1.45 -3.34
C LYS A 116 -11.58 -2.48 -2.84
N VAL A 117 -11.57 -2.72 -1.53
CA VAL A 117 -10.62 -3.65 -0.92
C VAL A 117 -11.24 -4.81 -0.14
N LYS A 118 -10.70 -6.00 -0.38
CA LYS A 118 -11.14 -7.22 0.30
C LYS A 118 -9.93 -7.69 1.11
N ILE A 119 -10.15 -8.04 2.38
CA ILE A 119 -9.05 -8.47 3.23
C ILE A 119 -9.31 -9.73 4.02
N LEU A 120 -8.31 -10.60 4.07
CA LEU A 120 -8.39 -11.84 4.84
C LEU A 120 -7.05 -11.98 5.56
N GLY A 121 -7.09 -11.87 6.88
CA GLY A 121 -5.91 -11.99 7.71
C GLY A 121 -6.10 -13.13 8.69
N ASN A 122 -5.03 -13.83 9.03
CA ASN A 122 -5.15 -14.96 9.93
C ASN A 122 -3.82 -15.36 10.54
N ASN A 123 -3.91 -16.23 11.55
CA ASN A 123 -2.74 -16.76 12.23
C ASN A 123 -1.89 -15.79 13.03
N PHE A 124 -2.41 -14.60 13.32
CA PHE A 124 -1.64 -13.66 14.12
C PHE A 124 -1.63 -14.19 15.56
N PRO A 125 -0.44 -14.28 16.17
CA PRO A 125 -0.35 -14.78 17.54
C PRO A 125 -1.18 -13.89 18.47
N ALA A 126 -1.97 -14.49 19.34
CA ALA A 126 -2.82 -13.73 20.28
C ALA A 126 -1.94 -12.86 21.19
N ASP A 127 -0.74 -13.34 21.48
CA ASP A 127 0.18 -12.62 22.34
C ASP A 127 1.14 -11.71 21.59
N GLY A 128 1.01 -11.64 20.27
CA GLY A 128 1.90 -10.80 19.48
C GLY A 128 1.52 -9.32 19.52
N PRO A 129 2.41 -8.44 19.06
CA PRO A 129 2.19 -6.98 19.03
C PRO A 129 0.93 -6.54 18.27
N VAL A 130 0.59 -7.28 17.21
CA VAL A 130 -0.57 -6.95 16.42
C VAL A 130 -1.90 -7.19 17.15
N MET A 131 -2.11 -8.40 17.65
CA MET A 131 -3.36 -8.70 18.33
C MET A 131 -3.44 -8.02 19.68
N GLN A 132 -2.29 -7.78 20.30
CA GLN A 132 -2.22 -7.11 21.61
C GLN A 132 -2.39 -5.61 21.39
N ASN A 133 -2.31 -5.20 20.13
CA ASN A 133 -2.41 -3.80 19.73
C ASN A 133 -1.38 -2.95 20.45
N LYS A 134 -0.13 -3.40 20.43
CA LYS A 134 0.96 -2.67 21.06
C LYS A 134 2.11 -2.56 20.06
N VAL A 135 1.88 -1.74 19.05
CA VAL A 135 2.87 -1.51 18.01
C VAL A 135 3.30 -0.05 18.04
N GLY A 136 4.39 0.27 17.35
CA GLY A 136 4.87 1.64 17.32
C GLY A 136 4.52 2.32 16.01
N ARG A 137 5.35 2.10 14.99
CA ARG A 137 5.13 2.71 13.68
C ARG A 137 5.90 1.93 12.62
N TRP A 138 5.56 2.17 11.35
CA TRP A 138 6.24 1.50 10.25
C TRP A 138 7.49 2.27 9.87
N GLU A 139 8.58 1.56 9.67
CA GLU A 139 9.79 2.21 9.17
C GLU A 139 9.48 2.38 7.68
N PRO A 140 10.21 3.21 6.97
CA PRO A 140 9.88 3.30 5.54
C PRO A 140 10.28 1.98 4.88
N GLY A 141 9.54 1.56 3.86
CA GLY A 141 9.85 0.31 3.18
C GLY A 141 10.21 0.46 1.72
N THR A 142 11.16 -0.36 1.26
CA THR A 142 11.60 -0.31 -0.14
C THR A 142 11.19 -1.57 -0.88
N GLU A 143 10.37 -1.40 -1.90
CA GLU A 143 9.87 -2.51 -2.70
C GLU A 143 10.62 -2.66 -4.03
N ILE A 144 10.86 -3.90 -4.45
CA ILE A 144 11.50 -4.10 -5.73
C ILE A 144 10.34 -4.46 -6.66
N VAL A 145 10.29 -3.79 -7.81
CA VAL A 145 9.21 -3.97 -8.77
C VAL A 145 9.78 -4.36 -10.12
N TYR A 146 9.27 -5.44 -10.69
CA TYR A 146 9.76 -5.92 -11.99
C TYR A 146 8.68 -6.62 -12.78
N GLU A 147 8.85 -6.68 -14.10
CA GLU A 147 7.86 -7.32 -14.95
C GLU A 147 7.96 -8.83 -14.96
N VAL A 148 6.80 -9.48 -14.88
CA VAL A 148 6.72 -10.94 -14.93
C VAL A 148 5.36 -11.29 -15.49
N ASP A 149 5.31 -12.29 -16.37
CA ASP A 149 4.04 -12.73 -16.96
C ASP A 149 3.26 -11.57 -17.59
N GLY A 150 3.94 -10.58 -18.13
CA GLY A 150 3.24 -9.48 -18.75
C GLY A 150 2.63 -8.48 -17.78
N VAL A 151 2.74 -8.76 -16.49
CA VAL A 151 2.21 -7.84 -15.49
C VAL A 151 3.37 -7.42 -14.59
N LEU A 152 3.06 -6.73 -13.49
CA LEU A 152 4.12 -6.27 -12.60
C LEU A 152 4.08 -7.02 -11.29
N ARG A 153 5.26 -7.39 -10.81
CA ARG A 153 5.39 -8.08 -9.54
C ARG A 153 6.20 -7.20 -8.62
N GLY A 154 5.92 -7.29 -7.32
CA GLY A 154 6.65 -6.51 -6.35
C GLY A 154 6.85 -7.30 -5.08
N GLN A 155 7.93 -6.99 -4.37
CA GLN A 155 8.23 -7.63 -3.10
C GLN A 155 8.93 -6.61 -2.24
N SER A 156 8.70 -6.69 -0.93
CA SER A 156 9.37 -5.79 -0.02
C SER A 156 9.39 -6.42 1.35
N LEU A 157 10.30 -5.91 2.17
CA LEU A 157 10.43 -6.35 3.54
C LEU A 157 10.08 -5.07 4.30
N MET A 158 9.10 -5.13 5.20
CA MET A 158 8.74 -3.96 5.98
C MET A 158 8.98 -4.24 7.46
N ALA A 159 9.24 -3.18 8.24
CA ALA A 159 9.52 -3.34 9.66
C ALA A 159 8.64 -2.44 10.51
N LEU A 160 7.87 -3.06 11.40
CA LEU A 160 6.99 -2.34 12.31
C LEU A 160 7.72 -2.18 13.64
N LYS A 161 8.11 -0.96 13.98
CA LYS A 161 8.79 -0.73 15.26
C LYS A 161 7.77 -1.01 16.36
N CYS A 162 8.19 -1.74 17.38
CA CYS A 162 7.31 -2.07 18.50
C CYS A 162 8.02 -1.74 19.81
N PRO A 163 7.24 -1.48 20.87
CA PRO A 163 7.82 -1.15 22.18
C PRO A 163 8.84 -2.18 22.62
N GLY A 164 9.85 -1.73 23.35
CA GLY A 164 10.89 -2.63 23.81
C GLY A 164 12.00 -2.72 22.78
N GLY A 165 12.06 -1.73 21.88
CA GLY A 165 13.08 -1.72 20.84
C GLY A 165 13.00 -2.89 19.88
N ARG A 166 11.78 -3.41 19.68
CA ARG A 166 11.59 -4.55 18.80
C ARG A 166 11.13 -4.16 17.40
N HIS A 167 11.48 -5.01 16.44
CA HIS A 167 11.11 -4.81 15.05
C HIS A 167 10.40 -6.05 14.54
N LEU A 168 9.10 -5.91 14.27
CA LEU A 168 8.30 -7.02 13.76
C LEU A 168 8.34 -6.87 12.24
N THR A 169 9.07 -7.73 11.56
CA THR A 169 9.17 -7.61 10.12
C THR A 169 8.20 -8.50 9.37
N CYS A 170 7.98 -8.18 8.10
CA CYS A 170 7.07 -8.93 7.26
C CYS A 170 7.55 -8.87 5.82
N HIS A 171 7.03 -9.78 5.00
CA HIS A 171 7.43 -9.87 3.61
C HIS A 171 6.19 -9.69 2.73
N LEU A 172 6.17 -8.65 1.91
CA LEU A 172 5.05 -8.40 1.02
C LEU A 172 5.28 -9.04 -0.36
N HIS A 173 4.27 -9.75 -0.86
CA HIS A 173 4.33 -10.42 -2.16
C HIS A 173 3.17 -9.83 -2.98
N THR A 174 3.51 -8.97 -3.93
CA THR A 174 2.48 -8.28 -4.71
C THR A 174 2.47 -8.53 -6.21
N THR A 175 1.29 -8.38 -6.80
CA THR A 175 1.11 -8.48 -8.23
C THR A 175 0.20 -7.33 -8.63
N TYR A 176 0.66 -6.50 -9.56
CA TYR A 176 -0.12 -5.35 -10.04
C TYR A 176 -0.59 -5.66 -11.47
N ARG A 177 -1.90 -5.52 -11.71
CA ARG A 177 -2.46 -5.81 -13.02
C ARG A 177 -3.19 -4.61 -13.62
N SER A 178 -2.67 -4.08 -14.72
CA SER A 178 -3.32 -2.95 -15.38
C SER A 178 -4.58 -3.48 -16.06
N LYS A 179 -5.59 -2.64 -16.19
CA LYS A 179 -6.82 -3.07 -16.86
C LYS A 179 -6.68 -2.75 -18.34
N LYS A 180 -5.52 -2.21 -18.70
CA LYS A 180 -5.23 -1.87 -20.08
C LYS A 180 -4.27 -2.94 -20.60
N PRO A 181 -4.46 -3.41 -21.85
CA PRO A 181 -3.58 -4.44 -22.40
C PRO A 181 -2.11 -4.07 -22.29
N ALA A 182 -1.27 -5.07 -22.04
CA ALA A 182 0.16 -4.85 -21.91
C ALA A 182 0.72 -4.20 -23.16
N SER A 183 0.15 -4.54 -24.30
CA SER A 183 0.58 -3.98 -25.58
C SER A 183 0.45 -2.47 -25.61
N ALA A 184 -0.54 -1.94 -24.90
CA ALA A 184 -0.77 -0.50 -24.85
C ALA A 184 -0.05 0.19 -23.71
N LEU A 185 0.82 -0.55 -23.01
CA LEU A 185 1.55 0.00 -21.88
C LEU A 185 3.05 0.02 -22.08
N LYS A 186 3.71 0.95 -21.41
CA LYS A 186 5.16 1.06 -21.47
C LYS A 186 5.71 0.48 -20.17
N MET A 187 5.96 -0.83 -20.17
CA MET A 187 6.47 -1.54 -19.01
C MET A 187 7.78 -1.03 -18.44
N PRO A 188 7.78 -0.67 -17.13
CA PRO A 188 9.01 -0.17 -16.49
C PRO A 188 9.99 -1.31 -16.22
N GLY A 189 11.28 -0.98 -16.17
CA GLY A 189 12.27 -1.99 -15.88
C GLY A 189 12.40 -2.18 -14.38
N PHE A 190 13.30 -3.06 -13.96
CA PHE A 190 13.52 -3.34 -12.55
C PHE A 190 13.89 -2.05 -11.80
N HIS A 191 13.12 -1.70 -10.78
CA HIS A 191 13.42 -0.50 -10.01
C HIS A 191 12.94 -0.64 -8.58
N PHE A 192 13.15 0.40 -7.79
CA PHE A 192 12.75 0.40 -6.39
C PHE A 192 11.61 1.39 -6.15
N GLU A 193 10.81 1.09 -5.15
CA GLU A 193 9.70 1.98 -4.80
C GLU A 193 9.66 2.13 -3.28
N ASP A 194 10.14 3.28 -2.82
CA ASP A 194 10.16 3.60 -1.40
C ASP A 194 8.76 4.01 -0.99
N HIS A 195 8.30 3.52 0.15
CA HIS A 195 6.98 3.85 0.67
C HIS A 195 7.15 4.25 2.13
N ARG A 196 6.92 5.52 2.45
CA ARG A 196 7.04 5.96 3.83
C ARG A 196 5.62 6.18 4.35
N ILE A 197 5.18 5.28 5.21
CA ILE A 197 3.85 5.35 5.80
C ILE A 197 3.90 5.89 7.22
N GLU A 198 3.03 6.86 7.51
CA GLU A 198 3.00 7.44 8.85
C GLU A 198 1.57 7.71 9.29
N ILE A 199 1.19 7.20 10.45
CA ILE A 199 -0.15 7.46 10.96
C ILE A 199 -0.08 8.82 11.64
N MET A 200 -0.71 9.80 11.02
CA MET A 200 -0.70 11.17 11.51
C MET A 200 -1.49 11.39 12.78
N GLU A 201 -2.60 10.68 12.92
CA GLU A 201 -3.44 10.85 14.09
C GLU A 201 -4.41 9.70 14.34
N GLU A 202 -4.57 9.37 15.62
CA GLU A 202 -5.52 8.34 16.01
C GLU A 202 -6.74 9.16 16.44
N VAL A 203 -7.54 9.54 15.46
CA VAL A 203 -8.73 10.34 15.72
C VAL A 203 -9.63 9.69 16.77
N GLU A 204 -9.85 8.39 16.60
CA GLU A 204 -10.65 7.63 17.57
C GLU A 204 -10.02 6.25 17.68
N LYS A 205 -9.58 5.91 18.89
CA LYS A 205 -8.94 4.64 19.14
C LYS A 205 -9.68 3.47 18.48
N GLY A 206 -8.95 2.73 17.66
CA GLY A 206 -9.51 1.58 16.98
C GLY A 206 -10.70 1.84 16.07
N LYS A 207 -10.95 3.10 15.72
CA LYS A 207 -12.10 3.36 14.85
C LYS A 207 -11.88 4.39 13.75
N CYS A 208 -10.94 5.31 13.95
CA CYS A 208 -10.66 6.32 12.94
C CYS A 208 -9.19 6.71 12.95
N TYR A 209 -8.56 6.69 11.78
CA TYR A 209 -7.14 7.03 11.68
C TYR A 209 -6.83 7.91 10.49
N LYS A 210 -5.79 8.73 10.63
CA LYS A 210 -5.36 9.59 9.56
C LYS A 210 -3.98 9.06 9.16
N GLN A 211 -3.85 8.64 7.90
CA GLN A 211 -2.59 8.09 7.43
C GLN A 211 -2.00 8.83 6.24
N TYR A 212 -0.70 9.04 6.30
CA TYR A 212 0.05 9.74 5.24
C TYR A 212 1.05 8.79 4.60
N GLU A 213 1.34 9.01 3.33
CA GLU A 213 2.32 8.20 2.64
C GLU A 213 3.01 8.99 1.54
N ALA A 214 4.33 8.88 1.51
CA ALA A 214 5.13 9.53 0.49
C ALA A 214 5.80 8.34 -0.21
N ALA A 215 5.78 8.35 -1.54
CA ALA A 215 6.37 7.26 -2.31
C ALA A 215 7.21 7.76 -3.48
N VAL A 216 8.25 7.01 -3.82
CA VAL A 216 9.13 7.38 -4.91
C VAL A 216 9.59 6.16 -5.71
N GLY A 217 9.49 6.26 -7.04
CA GLY A 217 9.93 5.19 -7.90
C GLY A 217 11.32 5.61 -8.39
N ARG A 218 12.34 4.81 -8.08
CA ARG A 218 13.71 5.18 -8.44
C ARG A 218 14.62 3.97 -8.66
N TYR A 219 15.88 4.25 -8.99
CA TYR A 219 16.90 3.23 -9.18
C TYR A 219 17.83 3.40 -7.98
N CYS A 220 18.81 2.51 -7.83
CA CYS A 220 19.74 2.61 -6.72
C CYS A 220 20.78 3.69 -7.03
N ASP A 221 20.42 4.93 -6.76
CA ASP A 221 21.30 6.06 -7.03
C ASP A 221 22.49 6.20 -6.08
N ALA A 222 22.39 5.61 -4.89
CA ALA A 222 23.47 5.73 -3.92
C ALA A 222 24.75 4.98 -4.27
N ALA A 223 24.62 3.78 -4.83
CA ALA A 223 25.79 2.99 -5.19
C ALA A 223 26.07 3.02 -6.69
N PRO A 224 27.21 3.61 -7.07
CA PRO A 224 27.62 3.72 -8.47
C PRO A 224 27.91 2.40 -9.18
N SER A 225 27.45 2.31 -10.42
CA SER A 225 27.66 1.14 -11.26
C SER A 225 28.89 1.39 -12.14
N LYS A 226 29.60 0.32 -12.47
CA LYS A 226 30.79 0.44 -13.33
C LYS A 226 30.46 0.02 -14.76
N LEU A 227 29.30 -0.58 -14.95
CA LEU A 227 28.90 -1.06 -16.26
C LEU A 227 27.71 -0.30 -16.82
N GLY A 228 27.45 0.87 -16.25
CA GLY A 228 26.34 1.68 -16.70
C GLY A 228 24.95 1.10 -16.43
N HIS A 229 24.83 0.27 -15.40
CA HIS A 229 23.53 -0.31 -15.06
C HIS A 229 22.70 0.70 -14.29
N ASN A 230 21.38 0.56 -14.36
CA ASN A 230 20.49 1.43 -13.61
C ASN A 230 20.79 1.10 -12.15
C ACY B . 3.90 7.06 12.64
O ACY B . 4.92 7.47 11.95
OXT ACY B . 3.08 6.26 12.22
CH3 ACY B . 3.80 7.63 14.05
#